data_1SJH
#
_entry.id   1SJH
#
_cell.length_a   172.464
_cell.length_b   172.464
_cell.length_c   121.461
_cell.angle_alpha   90.00
_cell.angle_beta   90.00
_cell.angle_gamma   120.00
#
_symmetry.space_group_name_H-M   'H 3'
#
loop_
_entity.id
_entity.type
_entity.pdbx_description
1 polymer 'HLA class II histocompatibility antigen, DR alpha chain'
2 polymer 'HLA class II histocompatibility antigen, DRB1-1 beta chain'
3 polymer 'GAG polyprotein'
4 polymer 'Enterotoxin type C-3'
5 water water
#
loop_
_entity_poly.entity_id
_entity_poly.type
_entity_poly.pdbx_seq_one_letter_code
_entity_poly.pdbx_strand_id
1 'polypeptide(L)'
;EEHVIIQAEFYLNPDQSGEFMFDFDGDEIFHVDMAKKETVWRLEEFGRFASFEAQGALANIAVDKANLEIMTKRSNYTPI
TNVPPEVTVLTNSPVELREPNVLICFIDKFTPPVVNVTWLRNGKPVTTGVSETVFLPREDHLFRKFHYLPFLPSTEDVYD
CRVEHWGLDEPLLKHWEFDA
;
A
2 'polypeptide(L)'
;GDTRPRFLWQLKFECHFFNGTERVRLLERCIYNQEESVRFDSDVGEYRAVTELGRPDAEYWNSQKDLLEQRRAAVDTYCR
HNYGVGESFTVQRRVEPKVTVYPSKTQPLQHHNLLVCSVSGFYPGSIEVRWFRNGQEEKAGVVSTGLIQNGDWTFQTLVM
LETVPRSGEVYTCQVEHPSVTSPLTVEWRA
;
B
3 'polypeptide(L)' PEVIPMFSALSEG C
4 'polypeptide(L)'
;ESQPDPMPDDLHKSSEFTGTMGNMKYLYDDHYVSATKVKSVDSFFKWDLIYNISDKKLKNYDKVKTELLNEDLAKKYKDE
VVDVYGSNYYVNCYFSSKDNVGKVTGGKTCMYGGITKHEGNHFDNGNLQNVLVRVYENKRNTISFEVQTDKKSVTAQELD
IKARNFLINKKNLYEFNSSPYETGYIKFIENNGNTFWYDMMPAPGDKFDQSKYLMMYNDNKTVDSKSVKIEVHLTTKNG
;
D
#
# COMPACT_ATOMS: atom_id res chain seq x y z
N GLU A 2 -22.73 -15.44 -4.08
CA GLU A 2 -21.73 -16.41 -3.57
C GLU A 2 -20.28 -15.91 -3.61
N HIS A 3 -20.06 -14.71 -4.14
CA HIS A 3 -18.73 -14.11 -4.19
C HIS A 3 -18.81 -12.59 -4.12
N VAL A 4 -17.90 -11.98 -3.38
CA VAL A 4 -17.89 -10.53 -3.24
C VAL A 4 -16.48 -9.98 -3.42
N ILE A 5 -16.33 -9.02 -4.32
CA ILE A 5 -15.03 -8.38 -4.52
C ILE A 5 -15.23 -6.93 -4.07
N ILE A 6 -14.38 -6.48 -3.16
CA ILE A 6 -14.50 -5.13 -2.66
C ILE A 6 -13.26 -4.27 -2.87
N GLN A 7 -13.49 -3.07 -3.37
CA GLN A 7 -12.42 -2.11 -3.54
C GLN A 7 -12.66 -1.19 -2.35
N ALA A 8 -11.76 -1.21 -1.38
CA ALA A 8 -11.95 -0.38 -0.20
C ALA A 8 -10.84 0.65 -0.03
N GLU A 9 -11.24 1.89 0.20
CA GLU A 9 -10.31 3.00 0.38
C GLU A 9 -10.66 3.82 1.62
N PHE A 10 -9.70 4.60 2.09
CA PHE A 10 -9.96 5.48 3.23
C PHE A 10 -8.85 6.49 3.43
N TYR A 11 -9.21 7.61 4.03
CA TYR A 11 -8.24 8.64 4.37
C TYR A 11 -8.58 9.07 5.79
N LEU A 12 -7.57 9.10 6.66
CA LEU A 12 -7.76 9.49 8.04
C LEU A 12 -6.98 10.72 8.45
N ASN A 13 -7.69 11.74 8.96
CA ASN A 13 -7.04 12.95 9.48
C ASN A 13 -7.09 12.81 11.00
N PRO A 14 -6.11 13.40 11.70
CA PRO A 14 -4.98 14.17 11.19
C PRO A 14 -3.75 13.32 10.89
N ASP A 15 -3.87 12.01 11.03
CA ASP A 15 -2.75 11.09 10.79
C ASP A 15 -2.26 11.10 9.35
N GLN A 16 -3.12 11.52 8.43
CA GLN A 16 -2.78 11.54 7.02
C GLN A 16 -2.61 10.13 6.48
N SER A 17 -3.32 9.17 7.07
CA SER A 17 -3.24 7.78 6.63
C SER A 17 -4.14 7.59 5.42
N GLY A 18 -3.60 6.97 4.37
CA GLY A 18 -4.38 6.69 3.19
C GLY A 18 -4.22 5.22 2.81
N GLU A 19 -5.28 4.57 2.36
CA GLU A 19 -5.21 3.17 1.98
C GLU A 19 -6.15 2.86 0.81
N PHE A 20 -5.70 1.98 -0.07
CA PHE A 20 -6.45 1.53 -1.25
C PHE A 20 -6.18 0.03 -1.43
N MET A 21 -7.22 -0.79 -1.35
CA MET A 21 -7.04 -2.24 -1.50
C MET A 21 -8.24 -2.91 -2.12
N PHE A 22 -8.03 -4.15 -2.58
CA PHE A 22 -9.07 -4.97 -3.16
C PHE A 22 -9.20 -6.19 -2.26
N ASP A 23 -10.43 -6.64 -2.06
CA ASP A 23 -10.75 -7.75 -1.18
C ASP A 23 -11.58 -8.83 -1.90
N PHE A 24 -11.24 -10.11 -1.70
CA PHE A 24 -12.00 -11.21 -2.31
C PHE A 24 -12.51 -12.14 -1.22
N ASP A 25 -13.81 -12.15 -1.01
CA ASP A 25 -14.42 -12.98 0.03
C ASP A 25 -13.69 -12.83 1.37
N GLY A 26 -13.30 -11.61 1.73
CA GLY A 26 -12.62 -11.41 3.01
C GLY A 26 -11.11 -11.43 2.99
N ASP A 27 -10.51 -11.93 1.91
CA ASP A 27 -9.06 -11.99 1.81
C ASP A 27 -8.51 -10.90 0.89
N GLU A 28 -7.45 -10.22 1.33
CA GLU A 28 -6.86 -9.17 0.53
C GLU A 28 -6.21 -9.69 -0.75
N ILE A 29 -6.50 -9.04 -1.87
CA ILE A 29 -5.88 -9.40 -3.14
C ILE A 29 -4.61 -8.58 -3.27
N PHE A 30 -4.71 -7.30 -2.95
CA PHE A 30 -3.57 -6.39 -3.02
C PHE A 30 -3.94 -5.02 -2.48
N HIS A 31 -2.93 -4.21 -2.22
CA HIS A 31 -3.13 -2.83 -1.78
C HIS A 31 -2.06 -2.03 -2.52
N VAL A 32 -2.14 -0.72 -2.47
CA VAL A 32 -1.13 0.08 -3.15
C VAL A 32 -0.23 0.80 -2.15
N ASP A 33 1.07 0.70 -2.37
CA ASP A 33 2.01 1.38 -1.51
C ASP A 33 1.99 2.82 -2.00
N MET A 34 1.39 3.71 -1.22
CA MET A 34 1.26 5.11 -1.58
C MET A 34 2.57 5.88 -1.67
N ALA A 35 3.61 5.37 -1.02
CA ALA A 35 4.90 6.03 -1.01
C ALA A 35 5.79 5.60 -2.17
N LYS A 36 5.83 4.29 -2.43
CA LYS A 36 6.64 3.81 -3.53
C LYS A 36 5.82 3.83 -4.81
N LYS A 37 4.52 4.04 -4.63
CA LYS A 37 3.59 4.11 -5.74
C LYS A 37 3.63 2.82 -6.52
N GLU A 38 3.22 1.74 -5.88
CA GLU A 38 3.20 0.44 -6.53
C GLU A 38 2.25 -0.53 -5.88
N THR A 39 1.83 -1.50 -6.68
CA THR A 39 0.91 -2.52 -6.25
C THR A 39 1.64 -3.59 -5.44
N VAL A 40 1.05 -3.97 -4.32
CA VAL A 40 1.62 -4.97 -3.46
C VAL A 40 0.61 -6.11 -3.37
N TRP A 41 0.86 -7.19 -4.12
CA TRP A 41 -0.02 -8.34 -4.14
C TRP A 41 0.08 -9.11 -2.85
N ARG A 42 -1.06 -9.50 -2.29
CA ARG A 42 -1.08 -10.25 -1.02
C ARG A 42 -0.26 -11.52 -1.14
N LEU A 43 -0.43 -12.23 -2.25
CA LEU A 43 0.34 -13.43 -2.52
C LEU A 43 1.14 -13.17 -3.81
N GLU A 44 2.44 -13.38 -3.71
CA GLU A 44 3.38 -13.17 -4.82
C GLU A 44 2.88 -13.60 -6.21
N GLU A 45 2.33 -14.79 -6.32
CA GLU A 45 1.87 -15.27 -7.63
C GLU A 45 0.71 -14.52 -8.27
N PHE A 46 -0.03 -13.74 -7.49
CA PHE A 46 -1.15 -12.99 -8.07
C PHE A 46 -0.60 -12.03 -9.10
N GLY A 47 0.53 -11.41 -8.77
CA GLY A 47 1.14 -10.46 -9.68
C GLY A 47 1.56 -11.02 -11.02
N ARG A 48 1.58 -12.33 -11.14
CA ARG A 48 1.96 -12.96 -12.40
C ARG A 48 0.73 -13.23 -13.25
N PHE A 49 -0.45 -13.12 -12.63
CA PHE A 49 -1.69 -13.38 -13.33
C PHE A 49 -2.46 -12.10 -13.65
N ALA A 50 -2.12 -11.01 -12.98
CA ALA A 50 -2.81 -9.75 -13.21
C ALA A 50 -1.95 -8.56 -12.86
N SER A 51 -2.46 -7.38 -13.19
CA SER A 51 -1.75 -6.15 -12.90
C SER A 51 -2.73 -5.08 -12.50
N PHE A 52 -2.23 -4.05 -11.84
CA PHE A 52 -3.05 -2.94 -11.41
C PHE A 52 -2.21 -1.68 -11.51
N GLU A 53 -2.74 -0.65 -12.15
CA GLU A 53 -2.00 0.61 -12.27
C GLU A 53 -2.14 1.38 -10.97
N ALA A 54 -1.07 1.35 -10.17
CA ALA A 54 -1.02 1.99 -8.87
C ALA A 54 -1.44 3.46 -8.86
N GLN A 55 -1.08 4.20 -9.91
CA GLN A 55 -1.42 5.62 -10.01
C GLN A 55 -2.93 5.90 -9.89
N GLY A 56 -3.75 4.92 -10.23
CA GLY A 56 -5.20 5.10 -10.13
C GLY A 56 -5.66 5.19 -8.67
N ALA A 57 -4.89 4.56 -7.78
CA ALA A 57 -5.22 4.59 -6.37
C ALA A 57 -4.83 5.96 -5.81
N LEU A 58 -3.77 6.54 -6.37
CA LEU A 58 -3.28 7.84 -5.94
C LEU A 58 -4.23 8.98 -6.36
N ALA A 59 -4.89 8.80 -7.50
CA ALA A 59 -5.85 9.79 -7.97
C ALA A 59 -7.06 9.74 -7.05
N ASN A 60 -7.54 8.53 -6.77
CA ASN A 60 -8.69 8.36 -5.90
C ASN A 60 -8.45 8.89 -4.50
N ILE A 61 -7.28 8.58 -3.94
CA ILE A 61 -6.96 9.01 -2.58
C ILE A 61 -7.00 10.53 -2.43
N ALA A 62 -6.60 11.26 -3.46
CA ALA A 62 -6.65 12.72 -3.40
C ALA A 62 -8.10 13.20 -3.35
N VAL A 63 -8.99 12.49 -4.04
CA VAL A 63 -10.42 12.84 -4.03
C VAL A 63 -11.00 12.45 -2.65
N ASP A 64 -10.57 11.31 -2.13
CA ASP A 64 -11.06 10.85 -0.84
C ASP A 64 -10.69 11.85 0.27
N LYS A 65 -9.50 12.44 0.18
CA LYS A 65 -9.08 13.40 1.20
C LYS A 65 -9.92 14.67 1.07
N ALA A 66 -10.04 15.18 -0.15
CA ALA A 66 -10.85 16.39 -0.34
C ALA A 66 -12.26 16.17 0.20
N ASN A 67 -12.80 14.97 0.02
CA ASN A 67 -14.14 14.68 0.52
C ASN A 67 -14.18 14.58 2.04
N LEU A 68 -13.10 14.07 2.63
CA LEU A 68 -13.02 13.95 4.08
C LEU A 68 -13.12 15.35 4.69
N GLU A 69 -12.43 16.31 4.09
CA GLU A 69 -12.43 17.70 4.56
C GLU A 69 -13.83 18.27 4.47
N ILE A 70 -14.48 18.09 3.33
CA ILE A 70 -15.83 18.58 3.11
C ILE A 70 -16.80 18.00 4.15
N MET A 71 -16.69 16.70 4.40
CA MET A 71 -17.55 16.00 5.33
C MET A 71 -17.24 16.34 6.79
N THR A 72 -15.96 16.58 7.06
CA THR A 72 -15.53 16.93 8.41
C THR A 72 -16.21 18.23 8.77
N LYS A 73 -16.14 19.19 7.86
CA LYS A 73 -16.76 20.48 8.07
C LYS A 73 -18.29 20.37 8.09
N ARG A 74 -18.84 19.54 7.20
CA ARG A 74 -20.28 19.38 7.10
C ARG A 74 -20.94 18.75 8.34
N SER A 75 -20.18 17.98 9.11
CA SER A 75 -20.72 17.35 10.31
C SER A 75 -20.47 18.23 11.56
N ASN A 76 -19.92 19.43 11.33
CA ASN A 76 -19.58 20.34 12.42
C ASN A 76 -18.42 19.75 13.22
N TYR A 77 -17.44 19.25 12.48
CA TYR A 77 -16.23 18.66 13.05
C TYR A 77 -16.54 17.64 14.13
N THR A 78 -17.44 16.73 13.79
CA THR A 78 -17.83 15.64 14.67
C THR A 78 -16.75 14.60 14.50
N PRO A 79 -15.91 14.39 15.53
CA PRO A 79 -14.83 13.41 15.51
C PRO A 79 -15.32 11.98 15.64
N ILE A 80 -14.48 11.03 15.23
CA ILE A 80 -14.86 9.63 15.32
C ILE A 80 -14.79 9.11 16.75
N THR A 81 -15.67 8.16 17.06
CA THR A 81 -15.70 7.53 18.37
C THR A 81 -14.77 6.32 18.32
N ASN A 82 -13.79 6.28 19.22
CA ASN A 82 -12.85 5.18 19.27
C ASN A 82 -13.55 3.89 19.67
N VAL A 83 -13.32 2.83 18.89
CA VAL A 83 -13.89 1.51 19.18
C VAL A 83 -12.66 0.61 19.34
N PRO A 84 -12.40 0.14 20.56
CA PRO A 84 -11.25 -0.73 20.84
C PRO A 84 -11.36 -2.09 20.15
N PRO A 85 -10.21 -2.70 19.82
CA PRO A 85 -10.17 -4.01 19.14
C PRO A 85 -10.32 -5.25 20.00
N GLU A 86 -10.86 -6.30 19.38
CA GLU A 86 -10.98 -7.61 20.00
C GLU A 86 -9.69 -8.24 19.49
N VAL A 87 -8.85 -8.72 20.41
CA VAL A 87 -7.59 -9.32 20.03
C VAL A 87 -7.51 -10.80 20.38
N THR A 88 -7.18 -11.62 19.38
CA THR A 88 -7.07 -13.06 19.55
C THR A 88 -5.72 -13.54 19.04
N VAL A 89 -5.12 -14.48 19.76
CA VAL A 89 -3.85 -15.05 19.35
C VAL A 89 -4.06 -16.53 19.11
N LEU A 90 -3.63 -17.00 17.94
CA LEU A 90 -3.75 -18.40 17.56
C LEU A 90 -2.63 -18.76 16.60
N THR A 91 -2.41 -20.06 16.40
CA THR A 91 -1.40 -20.52 15.46
C THR A 91 -2.18 -20.84 14.21
N ASN A 92 -1.55 -20.83 13.04
CA ASN A 92 -2.29 -21.14 11.84
C ASN A 92 -2.46 -22.64 11.61
N SER A 93 -1.96 -23.44 12.55
CA SER A 93 -2.08 -24.89 12.45
C SER A 93 -1.77 -25.52 13.80
N PRO A 94 -2.28 -26.74 14.04
CA PRO A 94 -2.03 -27.44 15.31
C PRO A 94 -0.55 -27.45 15.68
N VAL A 95 -0.23 -26.86 16.83
CA VAL A 95 1.15 -26.79 17.29
C VAL A 95 1.73 -28.13 17.78
N GLU A 96 2.97 -28.38 17.40
CA GLU A 96 3.69 -29.59 17.80
C GLU A 96 5.09 -29.08 18.21
N LEU A 97 5.64 -29.62 19.29
CA LEU A 97 6.95 -29.19 19.76
C LEU A 97 8.01 -29.20 18.66
N ARG A 98 8.88 -28.19 18.67
CA ARG A 98 9.95 -28.03 17.69
C ARG A 98 9.47 -28.09 16.24
N GLU A 99 8.15 -28.05 16.04
CA GLU A 99 7.56 -28.07 14.71
C GLU A 99 7.25 -26.65 14.26
N PRO A 100 7.93 -26.18 13.20
CA PRO A 100 7.72 -24.83 12.67
C PRO A 100 6.25 -24.46 12.55
N ASN A 101 5.88 -23.31 13.11
CA ASN A 101 4.50 -22.85 13.08
C ASN A 101 4.51 -21.33 12.99
N VAL A 102 3.32 -20.73 12.98
CA VAL A 102 3.22 -19.28 12.93
C VAL A 102 2.14 -18.77 13.87
N LEU A 103 2.52 -17.83 14.72
CA LEU A 103 1.59 -17.22 15.66
C LEU A 103 0.86 -16.12 14.90
N ILE A 104 -0.46 -16.08 15.07
CA ILE A 104 -1.28 -15.07 14.42
C ILE A 104 -1.94 -14.21 15.47
N CYS A 105 -1.79 -12.90 15.31
CA CYS A 105 -2.43 -11.94 16.22
C CYS A 105 -3.55 -11.28 15.41
N PHE A 106 -4.79 -11.67 15.71
CA PHE A 106 -5.95 -11.14 15.00
C PHE A 106 -6.55 -9.93 15.71
N ILE A 107 -6.40 -8.76 15.10
CA ILE A 107 -6.95 -7.52 15.66
C ILE A 107 -8.23 -7.20 14.89
N ASP A 108 -9.36 -7.27 15.56
CA ASP A 108 -10.64 -7.09 14.89
C ASP A 108 -11.64 -6.10 15.51
N LYS A 109 -12.65 -5.75 14.74
CA LYS A 109 -13.72 -4.84 15.18
C LYS A 109 -13.24 -3.55 15.86
N PHE A 110 -12.41 -2.78 15.16
CA PHE A 110 -11.91 -1.55 15.76
C PHE A 110 -11.85 -0.41 14.76
N THR A 111 -11.79 0.81 15.29
CA THR A 111 -11.70 2.00 14.49
C THR A 111 -11.38 3.13 15.47
N PRO A 112 -10.65 4.17 15.03
CA PRO A 112 -10.09 4.38 13.70
C PRO A 112 -8.97 3.39 13.35
N PRO A 113 -8.59 3.30 12.06
CA PRO A 113 -7.54 2.37 11.60
C PRO A 113 -6.10 2.79 11.94
N VAL A 114 -5.78 2.76 13.23
CA VAL A 114 -4.43 3.07 13.71
C VAL A 114 -4.17 2.18 14.92
N VAL A 115 -3.10 1.41 14.87
CA VAL A 115 -2.75 0.52 15.98
C VAL A 115 -1.24 0.30 16.05
N ASN A 116 -0.78 -0.01 17.25
CA ASN A 116 0.64 -0.30 17.49
C ASN A 116 0.63 -1.73 18.01
N VAL A 117 1.29 -2.62 17.28
CA VAL A 117 1.35 -4.03 17.62
C VAL A 117 2.79 -4.45 17.85
N THR A 118 3.04 -5.18 18.94
CA THR A 118 4.37 -5.66 19.26
C THR A 118 4.30 -7.11 19.74
N TRP A 119 5.28 -7.92 19.32
CA TRP A 119 5.33 -9.31 19.75
C TRP A 119 6.35 -9.40 20.87
N LEU A 120 6.06 -10.21 21.88
CA LEU A 120 6.97 -10.37 23.00
C LEU A 120 7.23 -11.84 23.24
N ARG A 121 8.51 -12.19 23.34
CA ARG A 121 8.91 -13.57 23.61
C ARG A 121 9.56 -13.52 24.98
N ASN A 122 8.87 -14.07 25.98
CA ASN A 122 9.39 -14.08 27.34
C ASN A 122 9.57 -12.64 27.80
N GLY A 123 8.57 -11.80 27.54
CA GLY A 123 8.62 -10.41 27.95
C GLY A 123 9.58 -9.52 27.21
N LYS A 124 10.03 -9.94 26.04
CA LYS A 124 10.96 -9.15 25.24
C LYS A 124 10.49 -9.03 23.80
N PRO A 125 10.56 -7.82 23.24
CA PRO A 125 10.14 -7.54 21.86
C PRO A 125 10.85 -8.39 20.80
N VAL A 126 10.06 -8.96 19.90
CA VAL A 126 10.57 -9.80 18.82
C VAL A 126 10.33 -9.12 17.47
N THR A 127 11.38 -9.01 16.67
CA THR A 127 11.28 -8.35 15.37
C THR A 127 11.51 -9.31 14.21
N THR A 128 12.41 -10.26 14.43
CA THR A 128 12.76 -11.23 13.40
C THR A 128 11.58 -12.01 12.81
N GLY A 129 11.51 -12.04 11.49
CA GLY A 129 10.48 -12.78 10.79
C GLY A 129 9.03 -12.33 10.87
N VAL A 130 8.74 -11.30 11.65
CA VAL A 130 7.35 -10.84 11.78
C VAL A 130 6.87 -10.07 10.55
N SER A 131 5.57 -10.18 10.27
CA SER A 131 4.97 -9.48 9.14
C SER A 131 3.55 -9.06 9.54
N GLU A 132 2.89 -8.30 8.67
CA GLU A 132 1.54 -7.83 8.99
C GLU A 132 0.80 -7.43 7.72
N THR A 133 -0.52 -7.35 7.81
CA THR A 133 -1.34 -6.95 6.67
C THR A 133 -1.73 -5.49 6.87
N VAL A 134 -2.43 -4.93 5.89
CA VAL A 134 -2.91 -3.56 6.01
C VAL A 134 -4.26 -3.72 6.70
N PHE A 135 -5.00 -2.64 6.85
CA PHE A 135 -6.32 -2.68 7.48
C PHE A 135 -7.35 -3.24 6.51
N LEU A 136 -8.11 -4.24 6.95
CA LEU A 136 -9.11 -4.85 6.09
C LEU A 136 -10.50 -4.36 6.44
N PRO A 137 -11.39 -4.29 5.44
CA PRO A 137 -12.77 -3.81 5.66
C PRO A 137 -13.71 -4.80 6.34
N ARG A 138 -14.79 -4.26 6.91
CA ARG A 138 -15.80 -5.07 7.57
C ARG A 138 -17.14 -4.50 7.19
N GLU A 139 -18.17 -5.33 7.22
CA GLU A 139 -19.52 -4.90 6.88
C GLU A 139 -19.98 -3.76 7.79
N ASP A 140 -19.58 -3.81 9.06
CA ASP A 140 -19.98 -2.76 10.01
C ASP A 140 -19.11 -1.52 9.91
N HIS A 141 -18.22 -1.52 8.91
CA HIS A 141 -17.32 -0.41 8.66
C HIS A 141 -16.19 -0.21 9.67
N LEU A 142 -15.95 -1.22 10.49
CA LEU A 142 -14.84 -1.19 11.44
C LEU A 142 -13.74 -1.91 10.65
N PHE A 143 -12.60 -2.20 11.28
CA PHE A 143 -11.51 -2.85 10.56
C PHE A 143 -10.97 -4.11 11.20
N ARG A 144 -10.20 -4.86 10.42
CA ARG A 144 -9.55 -6.11 10.87
C ARG A 144 -8.10 -5.94 10.46
N LYS A 145 -7.22 -6.75 11.06
CA LYS A 145 -5.80 -6.67 10.74
C LYS A 145 -5.12 -7.92 11.26
N PHE A 146 -4.09 -8.38 10.56
CA PHE A 146 -3.38 -9.58 10.97
C PHE A 146 -1.88 -9.31 11.11
N HIS A 147 -1.29 -9.79 12.21
CA HIS A 147 0.15 -9.67 12.45
C HIS A 147 0.66 -11.09 12.64
N TYR A 148 1.77 -11.41 12.01
CA TYR A 148 2.29 -12.78 12.11
C TYR A 148 3.69 -12.90 12.68
N LEU A 149 3.94 -14.04 13.33
CA LEU A 149 5.23 -14.33 13.94
C LEU A 149 5.59 -15.80 13.79
N PRO A 150 6.47 -16.12 12.83
CA PRO A 150 6.87 -17.51 12.63
C PRO A 150 7.70 -17.93 13.84
N PHE A 151 7.46 -19.11 14.38
CA PHE A 151 8.22 -19.56 15.54
C PHE A 151 8.39 -21.07 15.62
N LEU A 152 9.26 -21.49 16.52
CA LEU A 152 9.54 -22.90 16.74
C LEU A 152 9.06 -23.21 18.17
N PRO A 153 7.91 -23.91 18.30
CA PRO A 153 7.34 -24.25 19.59
C PRO A 153 8.31 -24.89 20.60
N SER A 154 8.08 -24.60 21.87
CA SER A 154 8.89 -25.13 22.97
C SER A 154 8.17 -24.77 24.28
N THR A 155 8.31 -25.61 25.28
CA THR A 155 7.67 -25.36 26.57
C THR A 155 8.34 -24.23 27.34
N GLU A 156 9.49 -23.79 26.85
CA GLU A 156 10.24 -22.72 27.50
C GLU A 156 9.84 -21.32 27.04
N ASP A 157 9.39 -21.21 25.79
CA ASP A 157 8.99 -19.91 25.26
C ASP A 157 7.50 -19.61 25.40
N VAL A 158 7.21 -18.38 25.80
CA VAL A 158 5.84 -17.91 25.94
C VAL A 158 5.77 -16.61 25.15
N TYR A 159 4.63 -16.33 24.53
CA TYR A 159 4.51 -15.12 23.75
C TYR A 159 3.33 -14.23 24.15
N ASP A 160 3.42 -12.96 23.78
CA ASP A 160 2.39 -11.97 24.05
C ASP A 160 2.26 -11.07 22.84
N CYS A 161 1.02 -10.80 22.43
CA CYS A 161 0.82 -9.87 21.34
C CYS A 161 0.34 -8.64 22.09
N ARG A 162 1.17 -7.59 22.09
CA ARG A 162 0.83 -6.34 22.78
C ARG A 162 0.21 -5.35 21.81
N VAL A 163 -1.05 -5.00 22.06
CA VAL A 163 -1.78 -4.09 21.18
C VAL A 163 -2.20 -2.77 21.82
N GLU A 164 -1.87 -1.67 21.13
CA GLU A 164 -2.23 -0.34 21.61
C GLU A 164 -3.21 0.32 20.63
N HIS A 165 -4.21 0.99 21.18
CA HIS A 165 -5.22 1.68 20.37
C HIS A 165 -5.91 2.70 21.27
N TRP A 166 -6.26 3.86 20.70
CA TRP A 166 -6.91 4.92 21.47
C TRP A 166 -8.18 4.50 22.18
N GLY A 167 -8.74 3.36 21.79
CA GLY A 167 -9.96 2.87 22.41
C GLY A 167 -9.67 2.05 23.65
N LEU A 168 -8.40 1.67 23.81
CA LEU A 168 -7.96 0.89 24.96
C LEU A 168 -7.33 1.84 25.98
N ASP A 169 -7.84 1.81 27.22
CA ASP A 169 -7.31 2.68 28.28
C ASP A 169 -5.87 2.31 28.62
N GLU A 170 -5.56 1.02 28.46
CA GLU A 170 -4.23 0.49 28.74
C GLU A 170 -3.85 -0.45 27.59
N PRO A 171 -2.55 -0.69 27.38
CA PRO A 171 -2.19 -1.60 26.29
C PRO A 171 -2.69 -3.01 26.60
N LEU A 172 -3.17 -3.72 25.58
CA LEU A 172 -3.69 -5.06 25.77
C LEU A 172 -2.68 -6.13 25.37
N LEU A 173 -2.44 -7.09 26.27
CA LEU A 173 -1.50 -8.17 25.98
C LEU A 173 -2.18 -9.51 25.96
N LYS A 174 -2.17 -10.16 24.79
CA LYS A 174 -2.77 -11.47 24.67
C LYS A 174 -1.63 -12.47 24.77
N HIS A 175 -1.65 -13.25 25.84
CA HIS A 175 -0.60 -14.22 26.09
C HIS A 175 -0.81 -15.54 25.36
N TRP A 176 0.30 -16.22 25.09
CA TRP A 176 0.28 -17.52 24.44
C TRP A 176 1.43 -18.36 24.95
N GLU A 177 1.19 -19.65 25.09
CA GLU A 177 2.22 -20.59 25.55
C GLU A 177 1.76 -21.98 25.16
N PHE A 178 2.71 -22.91 25.08
CA PHE A 178 2.40 -24.29 24.73
C PHE A 178 1.55 -24.93 25.83
N ASP A 179 0.23 -24.93 25.63
CA ASP A 179 -0.69 -25.51 26.60
C ASP A 179 -0.70 -27.02 26.50
N ALA A 180 -0.16 -27.67 27.52
CA ALA A 180 -0.10 -29.13 27.58
C ALA A 180 -0.57 -29.63 28.94
N GLY B 1 0.59 14.73 25.14
CA GLY B 1 0.28 13.50 24.36
C GLY B 1 -0.60 13.79 23.15
N ASP B 2 -0.79 12.79 22.30
CA ASP B 2 -1.61 12.96 21.10
C ASP B 2 -3.07 12.63 21.38
N THR B 3 -3.87 13.67 21.61
CA THR B 3 -5.29 13.50 21.88
C THR B 3 -6.18 14.20 20.86
N ARG B 4 -5.66 14.50 19.69
CA ARG B 4 -6.47 15.20 18.67
C ARG B 4 -7.59 14.30 18.19
N PRO B 5 -8.72 14.90 17.81
CA PRO B 5 -9.86 14.13 17.31
C PRO B 5 -9.52 13.58 15.93
N ARG B 6 -10.06 12.42 15.59
CA ARG B 6 -9.82 11.83 14.27
C ARG B 6 -11.08 11.98 13.45
N PHE B 7 -10.92 12.04 12.13
CA PHE B 7 -12.01 12.19 11.18
C PHE B 7 -11.67 11.20 10.05
N LEU B 8 -12.54 10.23 9.84
CA LEU B 8 -12.30 9.18 8.84
C LEU B 8 -13.31 9.19 7.70
N TRP B 9 -12.84 8.85 6.51
CA TRP B 9 -13.71 8.78 5.33
C TRP B 9 -13.38 7.50 4.57
N GLN B 10 -14.38 6.67 4.35
CA GLN B 10 -14.20 5.42 3.62
C GLN B 10 -15.06 5.41 2.35
N LEU B 11 -14.53 4.79 1.30
CA LEU B 11 -15.23 4.64 0.03
C LEU B 11 -15.08 3.15 -0.32
N LYS B 12 -16.21 2.48 -0.57
CA LYS B 12 -16.20 1.05 -0.88
C LYS B 12 -17.06 0.75 -2.10
N PHE B 13 -16.53 -0.05 -3.01
CA PHE B 13 -17.28 -0.46 -4.20
C PHE B 13 -17.36 -1.96 -4.04
N GLU B 14 -18.56 -2.47 -3.80
CA GLU B 14 -18.75 -3.90 -3.61
C GLU B 14 -19.41 -4.54 -4.82
N CYS B 15 -18.79 -5.59 -5.34
CA CYS B 15 -19.36 -6.32 -6.47
C CYS B 15 -19.80 -7.67 -5.96
N HIS B 16 -21.11 -7.87 -5.92
CA HIS B 16 -21.68 -9.13 -5.44
C HIS B 16 -22.05 -10.02 -6.64
N PHE B 17 -21.55 -11.25 -6.64
CA PHE B 17 -21.81 -12.18 -7.73
C PHE B 17 -22.62 -13.41 -7.30
N PHE B 18 -23.65 -13.72 -8.08
CA PHE B 18 -24.48 -14.87 -7.81
C PHE B 18 -24.48 -15.76 -9.06
N ASN B 19 -24.23 -17.06 -8.86
CA ASN B 19 -24.18 -18.01 -9.97
C ASN B 19 -23.15 -17.54 -10.97
N GLY B 20 -21.90 -17.42 -10.52
CA GLY B 20 -20.84 -16.95 -11.39
C GLY B 20 -21.03 -15.48 -11.65
N THR B 21 -21.36 -15.14 -12.89
CA THR B 21 -21.58 -13.76 -13.27
C THR B 21 -22.98 -13.56 -13.83
N GLU B 22 -23.86 -14.52 -13.55
CA GLU B 22 -25.23 -14.47 -14.03
C GLU B 22 -25.96 -13.24 -13.48
N ARG B 23 -25.90 -13.10 -12.16
CA ARG B 23 -26.54 -12.00 -11.46
C ARG B 23 -25.45 -11.20 -10.75
N VAL B 24 -25.33 -9.92 -11.09
CA VAL B 24 -24.33 -9.07 -10.48
C VAL B 24 -24.93 -7.81 -9.88
N ARG B 25 -24.48 -7.44 -8.69
CA ARG B 25 -24.98 -6.24 -8.04
C ARG B 25 -23.83 -5.38 -7.53
N LEU B 26 -23.82 -4.11 -7.91
CA LEU B 26 -22.78 -3.18 -7.47
C LEU B 26 -23.35 -2.31 -6.36
N LEU B 27 -22.61 -2.20 -5.27
CA LEU B 27 -23.03 -1.38 -4.13
C LEU B 27 -21.87 -0.46 -3.80
N GLU B 28 -22.02 0.81 -4.14
CA GLU B 28 -21.01 1.82 -3.88
C GLU B 28 -21.41 2.51 -2.57
N ARG B 29 -20.50 2.60 -1.60
CA ARG B 29 -20.87 3.23 -0.34
C ARG B 29 -19.82 4.13 0.32
N CYS B 30 -20.31 5.27 0.82
CA CYS B 30 -19.49 6.27 1.50
C CYS B 30 -19.81 6.21 2.99
N ILE B 31 -18.77 6.21 3.81
CA ILE B 31 -18.95 6.14 5.26
C ILE B 31 -18.11 7.24 5.92
N TYR B 32 -18.74 8.17 6.64
CA TYR B 32 -17.95 9.22 7.27
C TYR B 32 -17.09 8.61 8.38
N ASN B 33 -17.49 8.69 9.64
CA ASN B 33 -16.64 8.07 10.67
C ASN B 33 -17.03 6.57 10.75
N GLN B 34 -18.16 6.27 11.39
CA GLN B 34 -18.62 4.90 11.43
C GLN B 34 -20.03 4.91 10.82
N GLU B 35 -20.40 6.04 10.25
CA GLU B 35 -21.73 6.22 9.65
C GLU B 35 -21.78 6.25 8.11
N GLU B 36 -22.44 5.27 7.51
CA GLU B 36 -22.61 5.24 6.06
C GLU B 36 -23.60 6.35 5.77
N SER B 37 -23.19 7.33 4.96
CA SER B 37 -24.02 8.47 4.64
C SER B 37 -24.75 8.46 3.30
N VAL B 38 -24.14 7.84 2.29
CA VAL B 38 -24.72 7.79 0.96
C VAL B 38 -24.23 6.56 0.18
N ARG B 39 -25.02 6.09 -0.78
CA ARG B 39 -24.66 4.91 -1.55
C ARG B 39 -25.30 4.84 -2.93
N PHE B 40 -24.69 4.05 -3.81
CA PHE B 40 -25.26 3.83 -5.13
C PHE B 40 -25.43 2.34 -5.24
N ASP B 41 -26.68 1.92 -5.30
CA ASP B 41 -27.03 0.51 -5.40
C ASP B 41 -27.47 0.29 -6.85
N SER B 42 -26.78 -0.61 -7.56
CA SER B 42 -27.14 -0.86 -8.97
C SER B 42 -28.56 -1.38 -9.16
N ASP B 43 -29.15 -1.92 -8.09
CA ASP B 43 -30.52 -2.42 -8.17
C ASP B 43 -31.51 -1.25 -8.12
N VAL B 44 -31.10 -0.16 -7.48
CA VAL B 44 -31.93 1.04 -7.38
C VAL B 44 -31.73 1.91 -8.60
N GLY B 45 -30.49 1.99 -9.07
CA GLY B 45 -30.19 2.77 -10.26
C GLY B 45 -29.71 4.20 -10.06
N GLU B 46 -29.74 4.69 -8.83
CA GLU B 46 -29.30 6.05 -8.56
C GLU B 46 -28.82 6.17 -7.11
N TYR B 47 -28.08 7.23 -6.82
CA TYR B 47 -27.59 7.44 -5.46
C TYR B 47 -28.77 7.72 -4.54
N ARG B 48 -28.63 7.29 -3.29
CA ARG B 48 -29.64 7.50 -2.26
C ARG B 48 -28.90 7.81 -0.95
N ALA B 49 -29.28 8.91 -0.30
CA ALA B 49 -28.67 9.28 0.97
C ALA B 49 -29.08 8.23 1.99
N VAL B 50 -28.16 7.84 2.86
CA VAL B 50 -28.46 6.85 3.89
C VAL B 50 -28.78 7.59 5.20
N THR B 51 -28.20 8.78 5.34
CA THR B 51 -28.45 9.63 6.51
C THR B 51 -28.46 11.06 5.98
N GLU B 52 -28.94 11.99 6.78
CA GLU B 52 -29.01 13.39 6.35
C GLU B 52 -27.68 13.95 5.89
N LEU B 53 -26.59 13.43 6.45
CA LEU B 53 -25.25 13.86 6.10
C LEU B 53 -24.96 13.65 4.60
N GLY B 54 -25.47 12.53 4.07
CA GLY B 54 -25.24 12.20 2.68
C GLY B 54 -26.18 12.82 1.67
N ARG B 55 -27.26 13.45 2.14
CA ARG B 55 -28.23 14.06 1.22
C ARG B 55 -27.65 14.98 0.16
N PRO B 56 -26.79 15.94 0.55
CA PRO B 56 -26.21 16.83 -0.47
C PRO B 56 -25.45 16.09 -1.58
N ASP B 57 -24.86 14.94 -1.24
CA ASP B 57 -24.12 14.17 -2.23
C ASP B 57 -25.01 13.40 -3.20
N ALA B 58 -26.02 12.74 -2.68
CA ALA B 58 -26.95 11.99 -3.53
C ALA B 58 -27.55 12.98 -4.53
N GLU B 59 -27.90 14.16 -4.04
CA GLU B 59 -28.50 15.21 -4.84
C GLU B 59 -27.54 15.69 -5.94
N TYR B 60 -26.32 16.01 -5.55
CA TYR B 60 -25.32 16.50 -6.49
C TYR B 60 -24.83 15.44 -7.48
N TRP B 61 -24.61 14.24 -7.01
CA TRP B 61 -24.13 13.18 -7.89
C TRP B 61 -25.20 12.72 -8.87
N ASN B 62 -26.45 12.68 -8.44
CA ASN B 62 -27.54 12.27 -9.33
C ASN B 62 -27.80 13.29 -10.44
N SER B 63 -27.32 14.51 -10.26
CA SER B 63 -27.51 15.55 -11.27
C SER B 63 -26.44 15.46 -12.34
N GLN B 64 -25.45 14.60 -12.13
CA GLN B 64 -24.35 14.43 -13.09
C GLN B 64 -24.61 13.20 -13.95
N LYS B 65 -25.12 13.43 -15.15
CA LYS B 65 -25.44 12.33 -16.06
C LYS B 65 -24.30 11.41 -16.45
N ASP B 66 -23.13 11.96 -16.71
CA ASP B 66 -22.00 11.12 -17.06
C ASP B 66 -21.64 10.18 -15.90
N LEU B 67 -21.72 10.68 -14.68
CA LEU B 67 -21.43 9.88 -13.50
C LEU B 67 -22.43 8.75 -13.34
N LEU B 68 -23.71 9.10 -13.39
CA LEU B 68 -24.78 8.13 -13.24
C LEU B 68 -24.71 7.07 -14.33
N GLU B 69 -24.40 7.48 -15.55
CA GLU B 69 -24.30 6.53 -16.66
C GLU B 69 -23.13 5.56 -16.42
N GLN B 70 -22.01 6.08 -15.94
CA GLN B 70 -20.84 5.24 -15.68
C GLN B 70 -21.21 4.27 -14.55
N ARG B 71 -21.82 4.77 -13.50
CA ARG B 71 -22.24 3.91 -12.39
C ARG B 71 -23.19 2.81 -12.84
N ARG B 72 -24.14 3.14 -13.72
CA ARG B 72 -25.10 2.16 -14.21
C ARG B 72 -24.49 1.04 -15.05
N ALA B 73 -23.36 1.32 -15.69
CA ALA B 73 -22.71 0.32 -16.53
C ALA B 73 -21.60 -0.48 -15.83
N ALA B 74 -21.14 0.01 -14.67
CA ALA B 74 -20.06 -0.63 -13.91
C ALA B 74 -20.29 -2.12 -13.62
N VAL B 75 -21.55 -2.53 -13.52
CA VAL B 75 -21.83 -3.93 -13.23
C VAL B 75 -21.16 -4.79 -14.33
N ASP B 76 -21.02 -4.22 -15.53
CA ASP B 76 -20.37 -4.90 -16.64
C ASP B 76 -18.89 -4.55 -16.78
N THR B 77 -18.63 -3.26 -16.96
CA THR B 77 -17.27 -2.75 -17.16
C THR B 77 -16.33 -2.86 -15.96
N TYR B 78 -16.90 -2.91 -14.76
CA TYR B 78 -16.13 -2.99 -13.52
C TYR B 78 -16.18 -4.38 -12.89
N CYS B 79 -17.36 -4.71 -12.37
CA CYS B 79 -17.59 -5.98 -11.71
C CYS B 79 -17.30 -7.21 -12.59
N ARG B 80 -18.09 -7.41 -13.64
CA ARG B 80 -17.87 -8.57 -14.49
C ARG B 80 -16.46 -8.56 -15.08
N HIS B 81 -15.93 -7.38 -15.40
CA HIS B 81 -14.59 -7.34 -15.95
C HIS B 81 -13.55 -7.88 -14.97
N ASN B 82 -13.54 -7.33 -13.74
CA ASN B 82 -12.55 -7.75 -12.74
C ASN B 82 -12.78 -9.21 -12.34
N TYR B 83 -14.00 -9.70 -12.44
CA TYR B 83 -14.27 -11.09 -12.10
C TYR B 83 -13.57 -11.95 -13.14
N GLY B 84 -13.71 -11.56 -14.40
CA GLY B 84 -13.08 -12.31 -15.47
C GLY B 84 -11.58 -12.32 -15.31
N VAL B 85 -11.03 -11.19 -14.86
CA VAL B 85 -9.59 -11.09 -14.68
C VAL B 85 -9.05 -11.92 -13.51
N GLY B 86 -9.75 -11.90 -12.38
CA GLY B 86 -9.25 -12.62 -11.22
C GLY B 86 -9.75 -14.03 -10.98
N GLU B 87 -10.76 -14.43 -11.76
CA GLU B 87 -11.34 -15.75 -11.62
C GLU B 87 -10.38 -16.92 -11.44
N SER B 88 -9.36 -17.00 -12.29
CA SER B 88 -8.41 -18.10 -12.24
C SER B 88 -7.62 -18.26 -10.93
N PHE B 89 -7.28 -17.15 -10.28
CA PHE B 89 -6.54 -17.24 -9.02
C PHE B 89 -7.33 -16.93 -7.76
N THR B 90 -8.64 -16.74 -7.89
CA THR B 90 -9.49 -16.45 -6.75
C THR B 90 -10.61 -17.47 -6.65
N VAL B 91 -11.60 -17.31 -7.51
CA VAL B 91 -12.74 -18.21 -7.55
C VAL B 91 -12.31 -19.67 -7.74
N GLN B 92 -11.27 -19.88 -8.52
CA GLN B 92 -10.80 -21.23 -8.79
C GLN B 92 -9.65 -21.70 -7.89
N ARG B 93 -9.14 -20.82 -7.04
CA ARG B 93 -8.06 -21.20 -6.15
C ARG B 93 -8.50 -22.33 -5.24
N ARG B 94 -7.65 -23.34 -5.08
CA ARG B 94 -7.99 -24.47 -4.22
C ARG B 94 -6.80 -25.08 -3.51
N VAL B 95 -6.90 -25.15 -2.19
CA VAL B 95 -5.85 -25.74 -1.38
C VAL B 95 -6.50 -26.76 -0.45
N GLU B 96 -6.09 -28.02 -0.61
CA GLU B 96 -6.61 -29.12 0.18
C GLU B 96 -6.30 -28.97 1.66
N PRO B 97 -7.28 -29.27 2.53
CA PRO B 97 -7.07 -29.16 3.97
C PRO B 97 -6.25 -30.30 4.57
N LYS B 98 -5.55 -29.98 5.66
CA LYS B 98 -4.78 -30.97 6.38
C LYS B 98 -5.76 -31.44 7.45
N VAL B 99 -5.96 -32.76 7.57
CA VAL B 99 -6.89 -33.29 8.54
C VAL B 99 -6.24 -34.30 9.49
N THR B 100 -6.42 -34.10 10.78
CA THR B 100 -5.87 -35.00 11.79
C THR B 100 -6.86 -35.13 12.95
N VAL B 101 -6.86 -36.30 13.59
CA VAL B 101 -7.76 -36.56 14.72
C VAL B 101 -7.01 -37.02 15.96
N TYR B 102 -7.34 -36.41 17.09
CA TYR B 102 -6.74 -36.73 18.37
C TYR B 102 -7.68 -36.30 19.48
N PRO B 103 -7.58 -36.94 20.65
CA PRO B 103 -8.47 -36.55 21.76
C PRO B 103 -8.05 -35.21 22.34
N SER B 104 -9.03 -34.44 22.79
CA SER B 104 -8.76 -33.13 23.37
C SER B 104 -7.90 -33.25 24.62
N LYS B 105 -7.11 -32.21 24.89
CA LYS B 105 -6.23 -32.17 26.05
C LYS B 105 -7.09 -31.88 27.29
N THR B 106 -8.36 -31.54 27.03
CA THR B 106 -9.30 -31.22 28.09
C THR B 106 -9.86 -32.47 28.80
N GLN B 107 -10.87 -33.08 28.18
CA GLN B 107 -11.49 -34.27 28.75
C GLN B 107 -12.08 -33.99 30.13
N PRO B 108 -13.14 -33.15 30.19
CA PRO B 108 -13.75 -32.83 31.48
C PRO B 108 -14.39 -34.03 32.18
N LEU B 109 -15.66 -34.29 31.90
CA LEU B 109 -16.39 -35.40 32.52
C LEU B 109 -15.77 -36.77 32.26
N GLN B 110 -15.22 -37.35 33.33
CA GLN B 110 -14.55 -38.66 33.31
C GLN B 110 -14.88 -39.63 32.18
N HIS B 111 -15.49 -40.77 32.54
CA HIS B 111 -15.84 -41.80 31.56
C HIS B 111 -16.45 -41.23 30.28
N HIS B 112 -15.58 -40.63 29.49
CA HIS B 112 -15.92 -40.00 28.22
C HIS B 112 -14.62 -39.84 27.47
N ASN B 113 -14.69 -39.13 26.35
CA ASN B 113 -13.51 -38.88 25.53
C ASN B 113 -13.89 -37.86 24.47
N LEU B 114 -13.46 -36.62 24.69
CA LEU B 114 -13.75 -35.54 23.75
C LEU B 114 -12.74 -35.63 22.61
N LEU B 115 -13.24 -35.92 21.40
CA LEU B 115 -12.39 -36.03 20.23
C LEU B 115 -12.28 -34.70 19.51
N VAL B 116 -11.15 -34.47 18.85
CA VAL B 116 -10.92 -33.24 18.10
C VAL B 116 -10.53 -33.52 16.66
N CYS B 117 -11.30 -32.99 15.72
CA CYS B 117 -10.98 -33.15 14.31
C CYS B 117 -10.44 -31.80 13.84
N SER B 118 -9.15 -31.74 13.57
CA SER B 118 -8.50 -30.53 13.13
C SER B 118 -8.42 -30.48 11.60
N VAL B 119 -8.89 -29.38 11.02
CA VAL B 119 -8.88 -29.20 9.57
C VAL B 119 -8.28 -27.83 9.32
N SER B 120 -7.10 -27.79 8.71
CA SER B 120 -6.42 -26.52 8.49
C SER B 120 -5.71 -26.36 7.15
N GLY B 121 -5.25 -25.13 6.92
CA GLY B 121 -4.54 -24.78 5.69
C GLY B 121 -5.31 -24.85 4.39
N PHE B 122 -6.64 -24.85 4.45
CA PHE B 122 -7.45 -24.95 3.23
C PHE B 122 -8.05 -23.67 2.66
N TYR B 123 -8.45 -23.77 1.39
CA TYR B 123 -9.09 -22.68 0.66
C TYR B 123 -9.84 -23.34 -0.49
N PRO B 124 -11.06 -22.87 -0.80
CA PRO B 124 -11.83 -21.79 -0.15
C PRO B 124 -12.37 -22.16 1.22
N GLY B 125 -13.01 -21.19 1.87
CA GLY B 125 -13.55 -21.39 3.20
C GLY B 125 -14.73 -22.34 3.28
N SER B 126 -15.42 -22.53 2.17
CA SER B 126 -16.56 -23.43 2.13
C SER B 126 -16.09 -24.86 2.40
N ILE B 127 -16.68 -25.51 3.41
CA ILE B 127 -16.29 -26.86 3.77
C ILE B 127 -17.32 -27.53 4.68
N GLU B 128 -17.39 -28.85 4.64
CA GLU B 128 -18.31 -29.60 5.48
C GLU B 128 -17.56 -30.65 6.29
N VAL B 129 -17.68 -30.55 7.61
CA VAL B 129 -17.03 -31.48 8.52
C VAL B 129 -18.06 -32.23 9.33
N ARG B 130 -18.12 -33.55 9.17
CA ARG B 130 -19.08 -34.38 9.89
C ARG B 130 -18.41 -35.48 10.70
N TRP B 131 -19.08 -35.90 11.77
CA TRP B 131 -18.59 -36.96 12.62
C TRP B 131 -19.50 -38.18 12.46
N PHE B 132 -18.90 -39.37 12.44
CA PHE B 132 -19.67 -40.59 12.31
C PHE B 132 -19.22 -41.62 13.32
N ARG B 133 -20.17 -42.41 13.80
CA ARG B 133 -19.89 -43.46 14.75
C ARG B 133 -20.41 -44.74 14.13
N ASN B 134 -19.50 -45.55 13.60
CA ASN B 134 -19.85 -46.80 12.95
C ASN B 134 -20.74 -46.55 11.73
N GLY B 135 -20.26 -45.71 10.82
CA GLY B 135 -21.00 -45.43 9.61
C GLY B 135 -22.22 -44.53 9.71
N GLN B 136 -22.72 -44.30 10.92
CA GLN B 136 -23.89 -43.45 11.09
C GLN B 136 -23.48 -42.10 11.70
N GLU B 137 -23.96 -41.02 11.08
CA GLU B 137 -23.64 -39.66 11.52
C GLU B 137 -24.03 -39.32 12.94
N GLU B 138 -23.22 -38.46 13.56
CA GLU B 138 -23.43 -37.99 14.92
C GLU B 138 -24.11 -36.64 14.90
N LYS B 139 -25.35 -36.57 15.36
CA LYS B 139 -26.07 -35.30 15.38
C LYS B 139 -25.74 -34.50 16.63
N ALA B 140 -25.87 -35.13 17.79
CA ALA B 140 -25.59 -34.47 19.06
C ALA B 140 -24.14 -34.63 19.49
N GLY B 141 -23.73 -33.84 20.49
CA GLY B 141 -22.38 -33.92 21.00
C GLY B 141 -21.33 -33.27 20.14
N VAL B 142 -21.74 -32.71 19.00
CA VAL B 142 -20.80 -32.07 18.10
C VAL B 142 -20.70 -30.57 18.37
N VAL B 143 -19.47 -30.10 18.54
CA VAL B 143 -19.22 -28.68 18.81
C VAL B 143 -18.06 -28.15 17.97
N SER B 144 -18.27 -27.01 17.32
CA SER B 144 -17.23 -26.42 16.48
C SER B 144 -16.78 -25.05 16.95
N THR B 145 -15.54 -24.72 16.61
CA THR B 145 -14.94 -23.44 16.96
C THR B 145 -15.31 -22.43 15.89
N GLY B 146 -15.96 -22.92 14.83
CA GLY B 146 -16.35 -22.06 13.73
C GLY B 146 -15.26 -21.95 12.68
N LEU B 147 -15.58 -21.30 11.57
CA LEU B 147 -14.62 -21.14 10.48
C LEU B 147 -13.68 -19.97 10.78
N ILE B 148 -12.39 -20.25 10.81
CA ILE B 148 -11.41 -19.21 11.07
C ILE B 148 -10.62 -18.83 9.82
N GLN B 149 -10.63 -17.53 9.53
CA GLN B 149 -9.95 -16.96 8.37
C GLN B 149 -8.60 -16.43 8.83
N ASN B 150 -7.51 -17.06 8.37
CA ASN B 150 -6.17 -16.65 8.79
C ASN B 150 -5.60 -15.37 8.18
N GLY B 151 -6.30 -14.82 7.20
CA GLY B 151 -5.84 -13.59 6.55
C GLY B 151 -4.76 -13.78 5.51
N ASP B 152 -4.38 -15.03 5.27
CA ASP B 152 -3.35 -15.34 4.28
C ASP B 152 -3.90 -16.25 3.19
N TRP B 153 -5.20 -16.17 2.95
CA TRP B 153 -5.89 -16.99 1.95
C TRP B 153 -5.97 -18.45 2.38
N THR B 154 -6.04 -18.66 3.68
CA THR B 154 -6.14 -19.99 4.23
C THR B 154 -7.12 -19.97 5.39
N PHE B 155 -7.75 -21.10 5.65
CA PHE B 155 -8.71 -21.21 6.74
C PHE B 155 -8.39 -22.41 7.64
N GLN B 156 -9.01 -22.44 8.81
CA GLN B 156 -8.83 -23.54 9.75
C GLN B 156 -10.07 -23.66 10.63
N THR B 157 -10.26 -24.83 11.22
CA THR B 157 -11.41 -25.05 12.08
C THR B 157 -11.26 -26.32 12.88
N LEU B 158 -11.84 -26.32 14.07
CA LEU B 158 -11.81 -27.46 14.96
C LEU B 158 -13.24 -27.90 15.25
N VAL B 159 -13.52 -29.18 15.06
CA VAL B 159 -14.85 -29.72 15.32
C VAL B 159 -14.73 -30.89 16.30
N MET B 160 -15.24 -30.68 17.51
CA MET B 160 -15.19 -31.69 18.56
C MET B 160 -16.40 -32.61 18.64
N LEU B 161 -16.18 -33.80 19.22
CA LEU B 161 -17.24 -34.79 19.39
C LEU B 161 -17.11 -35.48 20.75
N GLU B 162 -18.02 -35.18 21.66
CA GLU B 162 -18.01 -35.80 22.99
C GLU B 162 -18.49 -37.25 22.84
N THR B 163 -17.66 -38.19 23.26
CA THR B 163 -18.02 -39.60 23.15
C THR B 163 -17.91 -40.39 24.44
N VAL B 164 -18.57 -41.55 24.43
CA VAL B 164 -18.55 -42.50 25.54
C VAL B 164 -17.94 -43.71 24.85
N PRO B 165 -16.62 -43.70 24.67
CA PRO B 165 -15.84 -44.76 24.02
C PRO B 165 -16.13 -46.19 24.46
N ARG B 166 -16.25 -47.06 23.46
CA ARG B 166 -16.51 -48.47 23.65
C ARG B 166 -15.53 -49.23 22.77
N SER B 167 -14.63 -49.97 23.39
CA SER B 167 -13.63 -50.75 22.67
C SER B 167 -14.18 -51.34 21.39
N GLY B 168 -13.54 -51.02 20.26
CA GLY B 168 -13.99 -51.55 18.98
C GLY B 168 -14.80 -50.59 18.13
N GLU B 169 -15.08 -49.40 18.63
CA GLU B 169 -15.85 -48.42 17.86
C GLU B 169 -14.94 -47.61 16.94
N VAL B 170 -15.49 -47.18 15.82
CA VAL B 170 -14.74 -46.39 14.85
C VAL B 170 -15.42 -45.04 14.63
N TYR B 171 -14.83 -43.99 15.18
CA TYR B 171 -15.36 -42.63 15.02
C TYR B 171 -14.66 -41.96 13.85
N THR B 172 -15.43 -41.67 12.79
CA THR B 172 -14.86 -41.07 11.60
C THR B 172 -15.19 -39.59 11.41
N CYS B 173 -14.17 -38.81 11.06
CA CYS B 173 -14.35 -37.39 10.77
C CYS B 173 -14.32 -37.32 9.26
N GLN B 174 -15.41 -36.83 8.67
CA GLN B 174 -15.49 -36.71 7.23
C GLN B 174 -15.46 -35.25 6.82
N VAL B 175 -14.64 -34.94 5.82
CA VAL B 175 -14.49 -33.59 5.34
C VAL B 175 -14.68 -33.51 3.83
N GLU B 176 -15.64 -32.69 3.41
CA GLU B 176 -15.91 -32.49 2.00
C GLU B 176 -15.53 -31.05 1.70
N HIS B 177 -14.70 -30.88 0.67
CA HIS B 177 -14.19 -29.57 0.30
C HIS B 177 -13.96 -29.54 -1.20
N PRO B 178 -14.11 -28.35 -1.82
CA PRO B 178 -13.93 -28.16 -3.27
C PRO B 178 -12.60 -28.68 -3.80
N SER B 179 -11.61 -28.81 -2.92
CA SER B 179 -10.28 -29.26 -3.31
C SER B 179 -10.23 -30.77 -3.61
N VAL B 180 -11.21 -31.52 -3.13
CA VAL B 180 -11.22 -32.96 -3.37
C VAL B 180 -12.50 -33.47 -4.01
N THR B 181 -12.34 -34.42 -4.93
CA THR B 181 -13.45 -35.04 -5.65
C THR B 181 -14.24 -36.00 -4.76
N SER B 182 -13.55 -36.56 -3.77
CA SER B 182 -14.20 -37.49 -2.85
C SER B 182 -13.88 -37.03 -1.42
N PRO B 183 -14.80 -37.26 -0.48
CA PRO B 183 -14.59 -36.85 0.92
C PRO B 183 -13.34 -37.43 1.59
N LEU B 184 -12.75 -36.64 2.49
CA LEU B 184 -11.56 -37.07 3.23
C LEU B 184 -12.04 -37.63 4.56
N THR B 185 -11.43 -38.73 4.99
CA THR B 185 -11.83 -39.35 6.26
C THR B 185 -10.65 -39.77 7.12
N VAL B 186 -10.76 -39.51 8.41
CA VAL B 186 -9.72 -39.87 9.37
C VAL B 186 -10.47 -40.55 10.51
N GLU B 187 -10.07 -41.77 10.84
CA GLU B 187 -10.74 -42.53 11.87
C GLU B 187 -10.05 -42.62 13.21
N TRP B 188 -10.87 -42.67 14.25
CA TRP B 188 -10.37 -42.82 15.61
C TRP B 188 -10.84 -44.19 16.05
N ARG B 189 -9.89 -45.09 16.32
CA ARG B 189 -10.23 -46.43 16.75
C ARG B 189 -10.33 -46.48 18.27
N ALA B 190 -11.55 -46.59 18.75
CA ALA B 190 -11.81 -46.65 20.19
C ALA B 190 -11.43 -48.01 20.74
N PRO C 1 -3.82 -9.44 -17.93
CA PRO C 1 -5.15 -8.89 -17.60
C PRO C 1 -4.99 -7.81 -16.54
N GLU C 2 -5.77 -6.73 -16.66
CA GLU C 2 -5.68 -5.65 -15.70
C GLU C 2 -6.92 -5.49 -14.82
N VAL C 3 -6.67 -5.31 -13.53
CA VAL C 3 -7.75 -5.06 -12.58
C VAL C 3 -8.02 -3.57 -12.77
N ILE C 4 -9.29 -3.21 -12.99
CA ILE C 4 -9.65 -1.81 -13.21
C ILE C 4 -10.43 -1.29 -12.01
N PRO C 5 -10.07 -0.09 -11.53
CA PRO C 5 -10.77 0.49 -10.37
C PRO C 5 -11.90 1.43 -10.78
N MET C 6 -12.80 1.69 -9.83
CA MET C 6 -13.89 2.65 -10.00
C MET C 6 -13.26 3.94 -9.51
N PHE C 7 -13.56 5.08 -10.13
CA PHE C 7 -12.96 6.33 -9.67
C PHE C 7 -13.87 7.12 -8.73
N SER C 8 -13.26 7.71 -7.71
CA SER C 8 -13.97 8.48 -6.69
C SER C 8 -14.76 9.67 -7.21
N ALA C 9 -15.97 9.82 -6.70
CA ALA C 9 -16.82 10.96 -7.06
C ALA C 9 -16.53 12.05 -6.03
N LEU C 10 -16.30 13.27 -6.49
CA LEU C 10 -16.03 14.40 -5.60
C LEU C 10 -17.32 15.07 -5.14
N SER C 11 -17.41 15.38 -3.84
CA SER C 11 -18.58 16.06 -3.29
C SER C 11 -18.51 17.50 -3.77
N GLU C 12 -19.64 18.18 -3.80
CA GLU C 12 -19.65 19.57 -4.24
C GLU C 12 -19.06 20.41 -3.12
N GLY C 13 -18.05 21.22 -3.47
CA GLY C 13 -17.39 22.07 -2.49
C GLY C 13 -18.32 22.78 -1.53
N GLU D 1 30.70 4.36 3.79
CA GLU D 1 31.33 4.29 2.44
C GLU D 1 30.45 4.93 1.38
N SER D 2 31.05 5.30 0.26
CA SER D 2 30.29 5.93 -0.82
C SER D 2 29.76 4.90 -1.83
N GLN D 3 28.72 5.28 -2.54
CA GLN D 3 28.09 4.41 -3.53
C GLN D 3 29.06 3.96 -4.63
N PRO D 4 29.08 2.66 -4.92
CA PRO D 4 29.93 2.04 -5.93
C PRO D 4 29.59 2.52 -7.34
N ASP D 5 30.61 2.82 -8.13
CA ASP D 5 30.38 3.27 -9.49
C ASP D 5 29.70 2.18 -10.29
N PRO D 6 28.98 2.56 -11.35
CA PRO D 6 28.27 1.56 -12.17
C PRO D 6 29.12 0.78 -13.17
N MET D 7 28.64 -0.41 -13.49
CA MET D 7 29.26 -1.28 -14.48
C MET D 7 28.28 -1.17 -15.64
N PRO D 8 28.75 -1.35 -16.87
CA PRO D 8 27.85 -1.24 -18.02
C PRO D 8 26.49 -1.91 -17.81
N ASP D 9 26.49 -3.10 -17.22
CA ASP D 9 25.26 -3.83 -16.96
C ASP D 9 24.37 -3.12 -15.96
N ASP D 10 24.95 -2.22 -15.18
CA ASP D 10 24.20 -1.47 -14.16
C ASP D 10 23.46 -0.26 -14.74
N LEU D 11 23.81 0.14 -15.95
CA LEU D 11 23.21 1.32 -16.56
C LEU D 11 22.12 1.04 -17.59
N HIS D 12 21.14 1.94 -17.64
CA HIS D 12 20.04 1.84 -18.61
C HIS D 12 20.58 2.15 -20.00
N LYS D 13 20.06 1.47 -21.01
CA LYS D 13 20.47 1.68 -22.38
C LYS D 13 19.35 2.33 -23.18
N SER D 14 19.65 3.42 -23.87
CA SER D 14 18.63 4.11 -24.66
C SER D 14 18.14 3.18 -25.76
N SER D 15 18.97 2.23 -26.14
CA SER D 15 18.59 1.27 -27.18
C SER D 15 17.52 0.32 -26.68
N GLU D 16 17.42 0.17 -25.36
CA GLU D 16 16.40 -0.73 -24.79
C GLU D 16 15.14 0.04 -24.44
N PHE D 17 15.17 1.36 -24.67
CA PHE D 17 14.02 2.20 -24.40
C PHE D 17 13.36 2.50 -25.74
N THR D 18 12.09 2.18 -25.88
CA THR D 18 11.39 2.42 -27.15
C THR D 18 10.30 3.48 -27.09
N GLY D 19 10.28 4.26 -26.01
CA GLY D 19 9.29 5.30 -25.89
C GLY D 19 9.80 6.58 -26.53
N THR D 20 9.28 7.72 -26.08
CA THR D 20 9.69 9.00 -26.61
C THR D 20 10.68 9.64 -25.65
N MET D 21 11.93 9.77 -26.10
CA MET D 21 12.98 10.37 -25.27
C MET D 21 12.61 11.81 -24.99
N GLY D 22 11.68 12.35 -25.77
CA GLY D 22 11.25 13.73 -25.57
C GLY D 22 10.63 13.91 -24.19
N ASN D 23 10.14 12.82 -23.62
CA ASN D 23 9.51 12.90 -22.31
C ASN D 23 10.56 12.96 -21.19
N MET D 24 11.80 12.60 -21.52
CA MET D 24 12.90 12.69 -20.55
C MET D 24 13.47 14.09 -20.75
N LYS D 25 13.64 14.48 -22.02
CA LYS D 25 14.17 15.81 -22.36
C LYS D 25 13.34 16.89 -21.69
N TYR D 26 12.02 16.68 -21.69
CA TYR D 26 11.07 17.61 -21.10
C TYR D 26 11.43 17.99 -19.65
N LEU D 27 11.81 16.99 -18.87
CA LEU D 27 12.15 17.22 -17.46
C LEU D 27 13.39 18.07 -17.20
N TYR D 28 14.22 18.26 -18.21
CA TYR D 28 15.45 19.02 -18.01
C TYR D 28 15.72 20.21 -18.91
N ASP D 29 14.94 20.36 -19.97
CA ASP D 29 15.13 21.46 -20.90
C ASP D 29 14.45 22.73 -20.41
N ASP D 30 15.23 23.61 -19.77
CA ASP D 30 14.70 24.87 -19.22
C ASP D 30 13.39 24.56 -18.52
N HIS D 31 13.44 23.58 -17.64
CA HIS D 31 12.28 23.13 -16.92
C HIS D 31 12.63 22.99 -15.45
N TYR D 32 11.95 23.73 -14.59
CA TYR D 32 12.21 23.65 -13.16
C TYR D 32 11.34 24.56 -12.31
N VAL D 33 11.16 24.17 -11.05
CA VAL D 33 10.41 24.95 -10.09
C VAL D 33 11.47 25.66 -9.26
N SER D 34 11.27 26.95 -9.00
CA SER D 34 12.22 27.72 -8.20
C SER D 34 11.50 28.75 -7.34
N ALA D 35 11.76 28.71 -6.05
CA ALA D 35 11.14 29.64 -5.10
C ALA D 35 12.15 29.99 -4.02
N THR D 36 12.07 31.22 -3.51
CA THR D 36 13.01 31.66 -2.48
C THR D 36 12.32 32.19 -1.24
N LYS D 37 12.77 31.70 -0.10
CA LYS D 37 12.23 32.13 1.19
C LYS D 37 10.72 31.93 1.27
N VAL D 38 10.31 30.67 1.41
CA VAL D 38 8.90 30.30 1.52
C VAL D 38 8.79 29.24 2.61
N LYS D 39 7.57 29.04 3.11
CA LYS D 39 7.34 28.02 4.14
C LYS D 39 6.17 27.16 3.68
N SER D 40 6.24 25.85 3.92
CA SER D 40 5.16 24.96 3.51
C SER D 40 3.82 25.39 4.12
N VAL D 41 2.74 25.20 3.37
CA VAL D 41 1.41 25.59 3.85
C VAL D 41 0.48 24.40 4.02
N ASP D 42 0.91 23.23 3.58
CA ASP D 42 0.08 22.04 3.68
C ASP D 42 0.93 20.80 3.50
N SER D 43 0.29 19.64 3.56
CA SER D 43 0.97 18.37 3.40
C SER D 43 -0.10 17.35 3.04
N PHE D 44 0.13 16.56 2.00
CA PHE D 44 -0.85 15.55 1.59
C PHE D 44 -0.64 14.28 2.40
N PHE D 45 0.53 13.68 2.25
CA PHE D 45 0.90 12.50 3.01
C PHE D 45 2.01 12.98 3.95
N LYS D 46 2.24 12.29 5.06
CA LYS D 46 3.23 12.75 6.03
C LYS D 46 4.67 12.92 5.56
N TRP D 47 4.99 12.41 4.38
CA TRP D 47 6.35 12.55 3.86
C TRP D 47 6.49 13.65 2.82
N ASP D 48 5.41 14.39 2.55
CA ASP D 48 5.51 15.45 1.57
C ASP D 48 5.11 16.80 2.14
N LEU D 49 5.51 17.86 1.46
CA LEU D 49 5.16 19.22 1.87
C LEU D 49 4.64 19.97 0.65
N ILE D 50 3.64 20.81 0.87
CA ILE D 50 3.02 21.59 -0.21
C ILE D 50 3.34 23.08 -0.05
N TYR D 51 3.78 23.71 -1.13
CA TYR D 51 4.11 25.14 -1.08
C TYR D 51 3.27 25.95 -2.05
N ASN D 52 3.16 27.24 -1.76
CA ASN D 52 2.45 28.16 -2.64
C ASN D 52 3.53 28.82 -3.47
N ILE D 53 3.75 28.28 -4.68
CA ILE D 53 4.75 28.77 -5.61
C ILE D 53 4.05 28.88 -6.96
N SER D 54 4.03 30.09 -7.53
CA SER D 54 3.37 30.32 -8.81
C SER D 54 4.29 30.20 -10.00
N ASP D 55 3.72 29.75 -11.11
CA ASP D 55 4.46 29.59 -12.36
C ASP D 55 4.61 30.95 -13.03
N LYS D 56 5.66 31.69 -12.66
CA LYS D 56 5.91 33.00 -13.24
C LYS D 56 5.90 32.91 -14.76
N LYS D 57 6.60 31.90 -15.28
CA LYS D 57 6.70 31.67 -16.72
C LYS D 57 5.35 31.68 -17.43
N LEU D 58 4.73 30.50 -17.50
CA LEU D 58 3.46 30.34 -18.19
C LEU D 58 2.22 30.17 -17.31
N LYS D 59 2.35 30.44 -16.00
CA LYS D 59 1.20 30.33 -15.09
C LYS D 59 0.49 28.97 -15.19
N ASN D 60 1.23 27.87 -15.03
CA ASN D 60 0.63 26.54 -15.09
C ASN D 60 0.32 25.97 -13.72
N TYR D 61 0.70 26.68 -12.67
CA TYR D 61 0.47 26.20 -11.32
C TYR D 61 0.74 27.29 -10.29
N ASP D 62 0.18 27.10 -9.10
CA ASP D 62 0.38 28.02 -7.98
C ASP D 62 0.54 27.20 -6.70
N LYS D 63 0.43 25.88 -6.86
CA LYS D 63 0.58 24.95 -5.75
C LYS D 63 1.60 23.88 -6.17
N VAL D 64 2.59 23.64 -5.31
CA VAL D 64 3.60 22.64 -5.61
C VAL D 64 3.80 21.68 -4.46
N LYS D 65 3.63 20.39 -4.74
CA LYS D 65 3.84 19.37 -3.73
C LYS D 65 5.19 18.69 -3.95
N THR D 66 6.00 18.60 -2.91
CA THR D 66 7.27 17.92 -3.07
C THR D 66 7.31 16.74 -2.10
N GLU D 67 7.55 15.55 -2.65
CA GLU D 67 7.62 14.35 -1.82
C GLU D 67 9.04 14.02 -1.39
N LEU D 68 9.18 13.63 -0.12
CA LEU D 68 10.48 13.29 0.45
C LEU D 68 10.57 11.81 0.76
N LEU D 69 11.78 11.35 1.04
CA LEU D 69 12.01 9.94 1.34
C LEU D 69 11.28 9.42 2.57
N ASN D 70 11.07 10.29 3.56
CA ASN D 70 10.38 9.87 4.78
C ASN D 70 9.76 11.02 5.56
N GLU D 71 9.03 10.67 6.62
CA GLU D 71 8.38 11.65 7.47
C GLU D 71 9.34 12.58 8.21
N ASP D 72 10.42 12.03 8.77
CA ASP D 72 11.37 12.86 9.50
C ASP D 72 11.89 13.98 8.63
N LEU D 73 12.14 13.64 7.36
CA LEU D 73 12.64 14.62 6.41
C LEU D 73 11.59 15.73 6.23
N ALA D 74 10.32 15.35 6.17
CA ALA D 74 9.25 16.33 6.01
C ALA D 74 9.06 17.13 7.30
N LYS D 75 9.22 16.45 8.43
CA LYS D 75 9.07 17.11 9.73
C LYS D 75 10.19 18.14 9.89
N LYS D 76 11.36 17.80 9.37
CA LYS D 76 12.49 18.70 9.46
C LYS D 76 12.22 20.06 8.80
N TYR D 77 11.69 20.06 7.59
CA TYR D 77 11.46 21.32 6.89
C TYR D 77 10.06 21.92 6.96
N LYS D 78 9.13 21.20 7.56
CA LYS D 78 7.76 21.69 7.65
C LYS D 78 7.60 23.17 7.99
N ASP D 79 8.15 23.60 9.12
CA ASP D 79 7.98 24.99 9.50
C ASP D 79 9.22 25.86 9.28
N GLU D 80 10.09 25.40 8.38
CA GLU D 80 11.31 26.13 8.07
C GLU D 80 11.11 27.10 6.92
N VAL D 81 11.90 28.16 6.90
CA VAL D 81 11.87 29.11 5.81
C VAL D 81 12.89 28.48 4.86
N VAL D 82 12.45 28.08 3.68
CA VAL D 82 13.37 27.42 2.77
C VAL D 82 13.36 27.95 1.36
N ASP D 83 14.23 27.37 0.55
CA ASP D 83 14.33 27.69 -0.86
C ASP D 83 13.99 26.37 -1.55
N VAL D 84 13.38 26.45 -2.72
CA VAL D 84 13.01 25.24 -3.45
C VAL D 84 13.57 25.24 -4.87
N TYR D 85 14.05 24.08 -5.30
CA TYR D 85 14.55 23.93 -6.66
C TYR D 85 14.48 22.47 -7.06
N GLY D 86 13.83 22.19 -8.18
CA GLY D 86 13.72 20.82 -8.65
C GLY D 86 12.96 20.70 -9.95
N SER D 87 12.92 19.49 -10.49
CA SER D 87 12.21 19.22 -11.74
C SER D 87 10.81 18.68 -11.41
N ASN D 88 9.78 19.39 -11.86
CA ASN D 88 8.40 18.98 -11.62
C ASN D 88 7.76 18.21 -12.77
N TYR D 89 6.72 17.45 -12.45
CA TYR D 89 5.97 16.67 -13.41
C TYR D 89 4.49 16.94 -13.18
N TYR D 90 3.66 16.62 -14.18
CA TYR D 90 2.21 16.83 -14.06
C TYR D 90 1.49 15.50 -14.26
N VAL D 91 2.01 14.67 -15.17
CA VAL D 91 1.39 13.36 -15.42
C VAL D 91 1.41 12.54 -14.13
N ASN D 92 0.23 12.22 -13.63
CA ASN D 92 0.07 11.46 -12.39
C ASN D 92 0.49 12.25 -11.15
N CYS D 93 0.29 13.56 -11.20
CA CYS D 93 0.57 14.42 -10.05
C CYS D 93 -0.81 14.51 -9.38
N TYR D 94 -0.91 14.08 -8.14
CA TYR D 94 -2.18 14.11 -7.44
C TYR D 94 -2.02 14.55 -6.00
N PHE D 95 -3.00 15.31 -5.52
CA PHE D 95 -3.05 15.78 -4.14
C PHE D 95 -4.13 16.84 -4.02
N SER D 96 -4.78 16.88 -2.85
CA SER D 96 -5.81 17.85 -2.59
C SER D 96 -5.23 18.87 -1.58
N GLY D 106 -6.26 27.77 -9.86
CA GLY D 106 -4.84 27.50 -9.51
C GLY D 106 -4.41 26.07 -9.79
N GLY D 107 -3.52 25.90 -10.75
CA GLY D 107 -3.04 24.56 -11.10
C GLY D 107 -2.05 24.00 -10.10
N LYS D 108 -1.80 22.70 -10.19
CA LYS D 108 -0.88 22.02 -9.29
C LYS D 108 0.25 21.35 -10.05
N THR D 109 1.37 21.12 -9.37
CA THR D 109 2.48 20.42 -9.98
C THR D 109 3.23 19.68 -8.88
N CYS D 110 3.93 18.61 -9.25
CA CYS D 110 4.65 17.78 -8.28
C CYS D 110 6.16 17.65 -8.49
N MET D 111 6.88 17.24 -7.44
CA MET D 111 8.33 17.03 -7.50
C MET D 111 8.84 16.27 -6.27
N TYR D 112 10.15 16.03 -6.20
CA TYR D 112 10.73 15.32 -5.06
C TYR D 112 11.93 16.10 -4.54
N GLY D 113 12.16 16.05 -3.23
CA GLY D 113 13.28 16.75 -2.62
C GLY D 113 13.35 18.22 -2.98
N GLY D 114 14.55 18.70 -3.31
CA GLY D 114 14.73 20.09 -3.71
C GLY D 114 14.65 21.16 -2.63
N ILE D 115 14.66 20.76 -1.37
CA ILE D 115 14.54 21.71 -0.27
C ILE D 115 15.84 22.00 0.47
N THR D 116 16.04 23.28 0.81
CA THR D 116 17.21 23.71 1.56
C THR D 116 16.84 24.90 2.45
N LYS D 117 17.34 24.89 3.68
CA LYS D 117 17.08 25.98 4.62
C LYS D 117 17.58 27.25 3.97
N HIS D 118 16.82 28.33 4.10
CA HIS D 118 17.21 29.61 3.50
C HIS D 118 18.16 30.43 4.36
N GLU D 119 17.98 30.36 5.68
CA GLU D 119 18.80 31.10 6.63
C GLU D 119 20.32 30.97 6.45
N GLY D 120 20.95 32.04 6.00
CA GLY D 120 22.39 32.04 5.80
C GLY D 120 22.93 30.97 4.87
N ASN D 121 22.23 30.70 3.78
CA ASN D 121 22.67 29.70 2.83
C ASN D 121 22.98 30.39 1.51
N HIS D 122 22.95 31.72 1.52
CA HIS D 122 23.23 32.50 0.32
C HIS D 122 24.52 33.30 0.41
N PHE D 123 24.95 33.85 -0.72
CA PHE D 123 26.16 34.65 -0.77
C PHE D 123 25.72 36.12 -0.90
N ASP D 124 26.26 36.96 -0.04
CA ASP D 124 25.92 38.38 -0.04
C ASP D 124 26.16 39.05 -1.40
N ASN D 125 25.25 39.94 -1.76
CA ASN D 125 25.31 40.68 -3.02
C ASN D 125 25.12 39.84 -4.27
N GLY D 126 24.10 39.00 -4.25
CA GLY D 126 23.80 38.15 -5.40
C GLY D 126 24.97 37.41 -6.01
N ASN D 127 25.92 36.98 -5.20
CA ASN D 127 27.08 36.25 -5.69
C ASN D 127 26.73 34.78 -5.93
N LEU D 128 27.00 34.31 -7.14
CA LEU D 128 26.73 32.92 -7.50
C LEU D 128 28.00 32.08 -7.42
N GLN D 129 27.85 30.85 -6.98
CA GLN D 129 28.97 29.92 -6.87
C GLN D 129 29.05 29.04 -8.11
N ASN D 130 30.26 28.92 -8.68
CA ASN D 130 30.47 28.08 -9.85
C ASN D 130 30.80 26.67 -9.41
N VAL D 131 30.36 25.68 -10.19
CA VAL D 131 30.61 24.29 -9.88
C VAL D 131 31.08 23.58 -11.14
N LEU D 132 32.23 22.92 -11.02
CA LEU D 132 32.85 22.22 -12.13
C LEU D 132 32.13 20.95 -12.57
N VAL D 133 31.98 20.82 -13.88
CA VAL D 133 31.37 19.65 -14.48
C VAL D 133 32.26 19.22 -15.63
N ARG D 134 32.77 17.99 -15.55
CA ARG D 134 33.61 17.46 -16.62
C ARG D 134 32.84 16.35 -17.31
N VAL D 135 32.73 16.47 -18.63
CA VAL D 135 31.99 15.51 -19.42
C VAL D 135 32.91 14.54 -20.13
N TYR D 136 32.61 13.25 -19.98
CA TYR D 136 33.41 12.20 -20.61
C TYR D 136 32.56 11.42 -21.59
N GLU D 137 33.11 11.20 -22.78
CA GLU D 137 32.40 10.45 -23.79
C GLU D 137 33.32 9.29 -24.15
N ASN D 138 32.88 8.08 -23.77
CA ASN D 138 33.64 6.86 -24.00
C ASN D 138 34.96 6.90 -23.22
N LYS D 139 34.87 7.34 -21.98
CA LYS D 139 36.00 7.41 -21.06
C LYS D 139 36.99 8.55 -21.27
N ARG D 140 36.72 9.44 -22.23
CA ARG D 140 37.62 10.55 -22.46
C ARG D 140 36.94 11.90 -22.26
N ASN D 141 37.58 12.77 -21.50
CA ASN D 141 37.06 14.10 -21.21
C ASN D 141 36.93 14.87 -22.53
N THR D 142 35.69 15.18 -22.91
CA THR D 142 35.44 15.91 -24.15
C THR D 142 35.22 17.40 -23.95
N ILE D 143 34.42 17.75 -22.95
CA ILE D 143 34.18 19.17 -22.65
C ILE D 143 34.05 19.36 -21.14
N SER D 144 34.42 20.55 -20.68
CA SER D 144 34.33 20.89 -19.28
C SER D 144 33.67 22.26 -19.17
N PHE D 145 32.90 22.46 -18.11
CA PHE D 145 32.23 23.74 -17.89
C PHE D 145 31.81 23.83 -16.43
N GLU D 146 31.01 24.84 -16.12
CA GLU D 146 30.53 25.05 -14.76
C GLU D 146 29.06 25.44 -14.76
N VAL D 147 28.36 25.10 -13.68
CA VAL D 147 26.97 25.47 -13.51
C VAL D 147 27.03 26.43 -12.32
N GLN D 148 26.01 27.25 -12.13
CA GLN D 148 26.01 28.19 -11.01
C GLN D 148 24.83 28.01 -10.07
N THR D 149 25.03 28.39 -8.82
CA THR D 149 23.98 28.31 -7.81
C THR D 149 24.17 29.41 -6.79
N ASP D 150 23.06 29.89 -6.24
CA ASP D 150 23.09 30.95 -5.25
C ASP D 150 23.12 30.39 -3.83
N LYS D 151 23.29 29.07 -3.71
CA LYS D 151 23.30 28.43 -2.41
C LYS D 151 24.65 27.79 -2.06
N LYS D 152 25.04 27.90 -0.78
CA LYS D 152 26.28 27.32 -0.31
C LYS D 152 26.09 25.80 -0.23
N SER D 153 24.98 25.40 0.38
CA SER D 153 24.61 24.00 0.50
C SER D 153 23.44 23.85 -0.46
N VAL D 154 23.69 23.24 -1.62
CA VAL D 154 22.69 23.06 -2.67
C VAL D 154 22.33 21.58 -2.87
N THR D 155 21.13 21.30 -3.34
CA THR D 155 20.76 19.90 -3.57
C THR D 155 21.47 19.41 -4.82
N ALA D 156 21.80 18.13 -4.83
CA ALA D 156 22.42 17.52 -6.00
C ALA D 156 21.45 17.66 -7.17
N GLN D 157 20.15 17.58 -6.89
CA GLN D 157 19.11 17.70 -7.92
C GLN D 157 19.25 19.00 -8.72
N GLU D 158 19.43 20.11 -8.02
CA GLU D 158 19.56 21.40 -8.70
C GLU D 158 20.76 21.43 -9.64
N LEU D 159 21.91 20.99 -9.15
CA LEU D 159 23.11 20.98 -9.97
C LEU D 159 22.91 20.06 -11.18
N ASP D 160 22.37 18.88 -10.91
CA ASP D 160 22.11 17.88 -11.95
C ASP D 160 21.25 18.50 -13.06
N ILE D 161 20.10 19.03 -12.67
CA ILE D 161 19.20 19.66 -13.64
C ILE D 161 19.93 20.66 -14.53
N LYS D 162 20.73 21.54 -13.92
CA LYS D 162 21.47 22.56 -14.65
C LYS D 162 22.54 21.97 -15.57
N ALA D 163 23.13 20.85 -15.17
CA ALA D 163 24.13 20.21 -15.99
C ALA D 163 23.48 19.67 -17.25
N ARG D 164 22.36 18.96 -17.08
CA ARG D 164 21.65 18.37 -18.21
C ARG D 164 21.00 19.42 -19.11
N ASN D 165 20.58 20.54 -18.54
CA ASN D 165 19.98 21.58 -19.35
C ASN D 165 21.04 22.04 -20.34
N PHE D 166 22.25 22.26 -19.84
CA PHE D 166 23.37 22.69 -20.66
C PHE D 166 23.71 21.67 -21.73
N LEU D 167 23.81 20.40 -21.33
CA LEU D 167 24.14 19.33 -22.26
C LEU D 167 23.11 19.05 -23.34
N ILE D 168 21.85 19.36 -23.05
CA ILE D 168 20.78 19.16 -24.03
C ILE D 168 20.97 20.14 -25.17
N ASN D 169 21.30 21.38 -24.82
CA ASN D 169 21.50 22.44 -25.79
C ASN D 169 22.82 22.33 -26.55
N LYS D 170 23.85 21.79 -25.91
CA LYS D 170 25.14 21.73 -26.58
C LYS D 170 25.66 20.36 -26.99
N LYS D 171 24.99 19.29 -26.57
CA LYS D 171 25.41 17.95 -26.94
C LYS D 171 24.20 17.09 -27.30
N ASN D 172 23.03 17.71 -27.36
CA ASN D 172 21.81 16.99 -27.69
C ASN D 172 21.67 15.74 -26.80
N LEU D 173 22.01 15.90 -25.52
CA LEU D 173 21.92 14.80 -24.56
C LEU D 173 20.63 13.99 -24.78
N TYR D 174 19.53 14.71 -24.99
CA TYR D 174 18.23 14.08 -25.24
C TYR D 174 17.57 14.76 -26.44
N GLU D 175 16.88 13.97 -27.25
CA GLU D 175 16.16 14.50 -28.41
C GLU D 175 14.73 13.95 -28.33
N PHE D 176 13.87 14.32 -29.27
CA PHE D 176 12.48 13.86 -29.27
C PHE D 176 12.37 12.35 -29.18
N ASN D 177 13.03 11.64 -30.09
CA ASN D 177 13.02 10.19 -30.06
C ASN D 177 14.46 9.72 -29.99
N SER D 178 14.82 9.16 -28.84
CA SER D 178 16.16 8.68 -28.58
C SER D 178 17.22 9.75 -28.32
N SER D 179 18.42 9.27 -28.01
CA SER D 179 19.56 10.11 -27.72
C SER D 179 20.79 9.58 -28.47
N PRO D 180 21.81 10.43 -28.68
CA PRO D 180 23.03 10.02 -29.38
C PRO D 180 23.84 9.06 -28.52
N TYR D 181 23.53 9.05 -27.22
CA TYR D 181 24.24 8.21 -26.28
C TYR D 181 23.51 6.95 -25.88
N GLU D 182 24.27 5.90 -25.62
CA GLU D 182 23.70 4.63 -25.21
C GLU D 182 23.46 4.63 -23.70
N THR D 183 24.50 4.94 -22.93
CA THR D 183 24.38 4.99 -21.48
C THR D 183 24.84 6.34 -20.98
N GLY D 184 24.57 6.62 -19.71
CA GLY D 184 24.98 7.90 -19.15
C GLY D 184 24.63 8.00 -17.69
N TYR D 185 25.55 8.53 -16.90
CA TYR D 185 25.31 8.73 -15.48
C TYR D 185 26.06 9.98 -15.04
N ILE D 186 25.50 10.68 -14.07
CA ILE D 186 26.14 11.89 -13.56
C ILE D 186 26.62 11.55 -12.16
N LYS D 187 27.93 11.73 -11.92
CA LYS D 187 28.53 11.41 -10.63
C LYS D 187 28.96 12.63 -9.82
N PHE D 188 28.71 12.58 -8.52
CA PHE D 188 29.06 13.66 -7.61
C PHE D 188 30.18 13.23 -6.67
N ILE D 189 31.24 14.03 -6.62
CA ILE D 189 32.38 13.77 -5.74
C ILE D 189 32.43 14.88 -4.70
N GLU D 190 32.18 14.55 -3.44
CA GLU D 190 32.22 15.55 -2.38
C GLU D 190 33.63 15.66 -1.81
N ASN D 191 33.97 16.84 -1.30
CA ASN D 191 35.31 17.09 -0.76
C ASN D 191 35.72 16.16 0.39
N ASN D 192 34.84 15.27 0.79
CA ASN D 192 35.17 14.34 1.86
C ASN D 192 35.43 12.95 1.29
N GLY D 193 35.49 12.85 -0.02
CA GLY D 193 35.73 11.56 -0.67
C GLY D 193 34.48 10.79 -1.05
N ASN D 194 33.34 11.13 -0.45
CA ASN D 194 32.09 10.46 -0.75
C ASN D 194 31.57 10.74 -2.16
N THR D 195 31.15 9.69 -2.84
CA THR D 195 30.60 9.82 -4.20
C THR D 195 29.28 9.09 -4.35
N PHE D 196 28.48 9.55 -5.31
CA PHE D 196 27.19 8.92 -5.62
C PHE D 196 26.83 9.34 -7.06
N TRP D 197 25.98 8.56 -7.73
CA TRP D 197 25.62 8.87 -9.12
C TRP D 197 24.16 8.58 -9.44
N TYR D 198 23.70 9.14 -10.56
CA TYR D 198 22.32 8.95 -11.02
C TYR D 198 22.35 8.49 -12.47
N ASP D 199 21.54 7.48 -12.80
CA ASP D 199 21.46 7.00 -14.18
C ASP D 199 20.71 8.10 -14.91
N MET D 200 21.24 8.52 -16.05
CA MET D 200 20.63 9.58 -16.84
C MET D 200 19.67 9.07 -17.92
N MET D 201 19.64 7.76 -18.14
CA MET D 201 18.75 7.21 -19.17
C MET D 201 17.50 6.60 -18.56
N PRO D 202 16.40 6.56 -19.34
CA PRO D 202 15.14 5.98 -18.85
C PRO D 202 15.21 4.46 -18.77
N ALA D 203 14.37 3.89 -17.91
CA ALA D 203 14.32 2.45 -17.74
C ALA D 203 13.90 1.78 -19.07
N PRO D 204 14.32 0.53 -19.28
CA PRO D 204 13.95 -0.16 -20.51
C PRO D 204 12.43 -0.31 -20.63
N GLY D 205 11.94 -0.25 -21.86
CA GLY D 205 10.52 -0.37 -22.08
C GLY D 205 10.05 0.59 -23.15
N ASP D 206 8.73 0.67 -23.34
CA ASP D 206 8.16 1.55 -24.36
C ASP D 206 7.47 2.78 -23.78
N LYS D 207 7.60 2.97 -22.47
CA LYS D 207 6.96 4.10 -21.82
C LYS D 207 7.84 4.65 -20.68
N PHE D 208 7.98 5.96 -20.63
CA PHE D 208 8.78 6.61 -19.60
C PHE D 208 7.89 7.11 -18.47
N ASP D 209 8.19 6.70 -17.25
CA ASP D 209 7.41 7.13 -16.09
C ASP D 209 8.18 8.28 -15.43
N GLN D 210 7.80 9.51 -15.75
CA GLN D 210 8.46 10.68 -15.20
C GLN D 210 8.49 10.66 -13.68
N SER D 211 7.33 10.46 -13.08
CA SER D 211 7.20 10.41 -11.62
C SER D 211 8.13 9.41 -10.96
N LYS D 212 8.17 8.20 -11.49
CA LYS D 212 8.99 7.15 -10.92
C LYS D 212 10.48 7.49 -11.09
N TYR D 213 10.83 8.09 -12.21
CA TYR D 213 12.22 8.46 -12.46
C TYR D 213 12.69 9.54 -11.48
N LEU D 214 11.92 10.61 -11.35
CA LEU D 214 12.29 11.72 -10.46
C LEU D 214 12.32 11.37 -9.00
N MET D 215 11.65 10.28 -8.62
CA MET D 215 11.61 9.89 -7.22
C MET D 215 13.01 9.70 -6.62
N MET D 216 14.03 9.60 -7.48
CA MET D 216 15.40 9.42 -7.01
C MET D 216 15.93 10.66 -6.29
N TYR D 217 15.33 11.82 -6.53
CA TYR D 217 15.76 13.05 -5.86
C TYR D 217 15.09 13.12 -4.49
N ASN D 218 14.44 12.02 -4.15
CA ASN D 218 13.71 11.79 -2.90
C ASN D 218 14.47 12.13 -1.62
N ASP D 219 15.72 11.67 -1.55
CA ASP D 219 16.55 11.86 -0.38
C ASP D 219 16.92 13.29 -0.07
N ASN D 220 16.63 14.21 -0.99
CA ASN D 220 16.94 15.61 -0.77
C ASN D 220 18.44 15.81 -0.52
N LYS D 221 19.25 14.96 -1.14
CA LYS D 221 20.71 15.01 -1.01
C LYS D 221 21.28 16.39 -1.28
N THR D 222 22.06 16.92 -0.33
CA THR D 222 22.69 18.22 -0.52
C THR D 222 24.22 18.10 -0.48
N VAL D 223 24.89 19.03 -1.15
CA VAL D 223 26.34 19.05 -1.19
C VAL D 223 26.83 20.49 -1.11
N ASP D 224 28.10 20.65 -0.74
CA ASP D 224 28.72 21.96 -0.62
C ASP D 224 29.14 22.42 -2.01
N SER D 225 28.49 23.47 -2.50
CA SER D 225 28.74 24.02 -3.83
C SER D 225 30.16 24.52 -4.11
N LYS D 226 30.84 25.02 -3.09
CA LYS D 226 32.19 25.53 -3.28
C LYS D 226 33.25 24.45 -3.43
N SER D 227 32.95 23.22 -3.00
CA SER D 227 33.94 22.14 -3.09
C SER D 227 33.53 20.84 -3.80
N VAL D 228 32.24 20.69 -4.13
CA VAL D 228 31.80 19.47 -4.80
C VAL D 228 32.16 19.51 -6.28
N LYS D 229 32.42 18.34 -6.86
CA LYS D 229 32.76 18.22 -8.27
C LYS D 229 31.83 17.24 -8.95
N ILE D 230 31.55 17.51 -10.22
CA ILE D 230 30.63 16.70 -11.01
C ILE D 230 31.29 16.13 -12.25
N GLU D 231 30.96 14.87 -12.53
CA GLU D 231 31.46 14.19 -13.71
C GLU D 231 30.29 13.54 -14.42
N VAL D 232 30.16 13.79 -15.71
CA VAL D 232 29.10 13.19 -16.50
C VAL D 232 29.78 12.18 -17.42
N HIS D 233 29.45 10.91 -17.25
CA HIS D 233 30.05 9.84 -18.06
C HIS D 233 29.05 9.27 -19.07
N LEU D 234 29.30 9.54 -20.35
CA LEU D 234 28.45 9.07 -21.43
C LEU D 234 29.16 8.10 -22.36
N THR D 235 28.37 7.32 -23.11
CA THR D 235 28.92 6.40 -24.09
C THR D 235 28.00 6.38 -25.31
N THR D 236 28.60 6.23 -26.49
CA THR D 236 27.84 6.14 -27.73
C THR D 236 27.69 4.62 -27.89
N LYS D 237 26.70 4.16 -28.65
CA LYS D 237 26.52 2.71 -28.79
C LYS D 237 27.76 2.02 -29.35
N ASN D 238 28.34 2.59 -30.40
CA ASN D 238 29.52 2.02 -31.03
C ASN D 238 30.82 2.52 -30.39
N GLY D 239 31.05 3.83 -30.47
CA GLY D 239 32.24 4.42 -29.90
C GLY D 239 32.57 5.73 -30.59
#